data_2J9U
#
_entry.id   2J9U
#
_cell.length_a   66.645
_cell.length_b   99.961
_cell.length_c   115.619
_cell.angle_alpha   90.00
_cell.angle_beta   90.00
_cell.angle_gamma   90.00
#
_symmetry.space_group_name_H-M   'C 2 2 21'
#
loop_
_entity.id
_entity.type
_entity.pdbx_description
1 polymer 'VACUOLAR PROTEIN SORTING-ASSOCIATED PROTEIN 28'
2 polymer 'VACUOLAR PROTEIN SORTING-ASSOCIATED PROTEIN 36'
3 non-polymer 'ZINC ION'
4 water water
#
loop_
_entity_poly.entity_id
_entity_poly.type
_entity_poly.pdbx_seq_one_letter_code
_entity_poly.pdbx_strand_id
1 'polypeptide(L)'
;MFNAKYVAEATGNFITVMDALKLNYNAKDQLHPLLAELLISINRVTRDDFENRSKLIDWIVRINKLSIGDTLTETQIREL
LFDLELAYKSFYALLD
;
A,C
2 'polypeptide(L)' MAHHHHHHMASADVVSTWVCPICMVSNETQGEFTKDTLPTPICINCGVPADYELTKSSINCSNAIDPNANPRNQFG B,D
#
# COMPACT_ATOMS: atom_id res chain seq x y z
N PHE A 2 13.81 2.47 12.88
CA PHE A 2 13.40 3.72 12.10
C PHE A 2 13.70 4.95 12.94
N ASN A 3 13.98 6.09 12.29
CA ASN A 3 14.24 7.34 12.97
C ASN A 3 12.87 7.80 13.55
N ALA A 4 12.74 7.86 14.89
CA ALA A 4 11.44 8.15 15.49
C ALA A 4 10.92 9.55 15.10
N LYS A 5 11.81 10.53 14.91
CA LYS A 5 11.35 11.86 14.57
C LYS A 5 10.71 11.79 13.19
N TYR A 6 11.32 11.05 12.27
CA TYR A 6 10.74 10.96 10.91
C TYR A 6 9.40 10.24 10.89
N VAL A 7 9.28 9.19 11.70
CA VAL A 7 7.98 8.47 11.88
C VAL A 7 6.92 9.43 12.42
N ALA A 8 7.25 10.19 13.47
CA ALA A 8 6.23 11.15 14.00
C ALA A 8 5.80 12.18 12.92
N GLU A 9 6.78 12.69 12.18
CA GLU A 9 6.49 13.69 11.14
C GLU A 9 5.61 13.13 10.01
N ALA A 10 5.96 11.93 9.51
CA ALA A 10 5.10 11.26 8.50
C ALA A 10 3.67 10.98 8.99
N THR A 11 3.55 10.48 10.22
CA THR A 11 2.25 10.20 10.81
C THR A 11 1.41 11.48 10.91
N GLY A 12 1.98 12.55 11.45
CA GLY A 12 1.29 13.86 11.50
C GLY A 12 0.84 14.34 10.10
N ASN A 13 1.73 14.21 9.11
CA ASN A 13 1.38 14.59 7.72
C ASN A 13 0.21 13.78 7.13
N PHE A 14 0.13 12.48 7.39
CA PHE A 14 -1.00 11.69 6.91
C PHE A 14 -2.33 12.20 7.48
N ILE A 15 -2.36 12.45 8.78
CA ILE A 15 -3.60 12.87 9.43
C ILE A 15 -3.97 14.30 9.00
N THR A 16 -2.96 15.16 8.81
CA THR A 16 -3.20 16.55 8.39
C THR A 16 -3.89 16.59 7.00
N VAL A 17 -3.38 15.81 6.03
CA VAL A 17 -4.01 15.77 4.68
C VAL A 17 -5.45 15.22 4.75
N MET A 18 -5.65 14.13 5.50
CA MET A 18 -7.03 13.61 5.76
C MET A 18 -8.00 14.61 6.39
N ASP A 19 -7.54 15.29 7.44
CA ASP A 19 -8.31 16.37 8.10
C ASP A 19 -8.65 17.50 7.08
N ALA A 20 -7.71 17.85 6.20
CA ALA A 20 -7.96 18.87 5.16
C ALA A 20 -9.08 18.46 4.25
N LEU A 21 -9.02 17.19 3.81
CA LEU A 21 -10.07 16.66 2.94
C LEU A 21 -11.45 16.64 3.59
N LYS A 22 -11.50 16.27 4.87
CA LYS A 22 -12.72 16.38 5.66
C LYS A 22 -13.20 17.80 5.94
N LEU A 23 -12.33 18.79 5.75
CA LEU A 23 -12.71 20.20 5.81
C LEU A 23 -13.01 20.85 4.44
N ASN A 24 -13.07 20.03 3.40
CA ASN A 24 -13.46 20.47 2.05
C ASN A 24 -12.40 21.25 1.24
N TYR A 25 -11.13 21.07 1.61
CA TYR A 25 -10.03 21.56 0.79
C TYR A 25 -10.13 20.74 -0.48
N ASN A 26 -10.20 21.40 -1.64
CA ASN A 26 -10.30 20.69 -2.88
C ASN A 26 -9.55 21.28 -4.06
N ALA A 27 -8.75 22.31 -3.83
CA ALA A 27 -8.05 23.05 -4.92
C ALA A 27 -6.58 22.67 -4.97
N LYS A 28 -5.99 22.81 -6.16
CA LYS A 28 -4.59 22.52 -6.41
C LYS A 28 -3.71 23.21 -5.39
N ASP A 29 -3.93 24.50 -5.16
CA ASP A 29 -3.07 25.30 -4.29
C ASP A 29 -3.18 24.92 -2.79
N GLN A 30 -4.27 24.23 -2.42
CA GLN A 30 -4.48 23.78 -1.03
C GLN A 30 -3.95 22.37 -0.80
N LEU A 31 -4.17 21.47 -1.75
CA LEU A 31 -3.79 20.07 -1.62
C LEU A 31 -2.35 19.75 -2.03
N HIS A 32 -1.81 20.44 -3.06
CA HIS A 32 -0.46 20.10 -3.56
C HIS A 32 0.63 20.19 -2.46
N PRO A 33 0.68 21.30 -1.70
CA PRO A 33 1.72 21.41 -0.66
C PRO A 33 1.58 20.36 0.44
N LEU A 34 0.34 20.02 0.81
CA LEU A 34 0.13 18.99 1.79
C LEU A 34 0.61 17.58 1.37
N LEU A 35 0.27 17.20 0.14
CA LEU A 35 0.72 15.94 -0.43
C LEU A 35 2.21 15.95 -0.64
N ALA A 36 2.78 17.10 -1.03
CA ALA A 36 4.25 17.20 -1.24
C ALA A 36 4.99 16.88 0.09
N GLU A 37 4.60 17.57 1.17
CA GLU A 37 5.24 17.34 2.44
C GLU A 37 5.01 15.90 2.97
N LEU A 38 3.82 15.36 2.77
CA LEU A 38 3.59 13.93 3.06
C LEU A 38 4.60 13.00 2.37
N LEU A 39 4.72 13.15 1.06
CA LEU A 39 5.58 12.24 0.28
C LEU A 39 7.08 12.40 0.64
N ILE A 40 7.50 13.62 0.88
CA ILE A 40 8.85 13.86 1.38
C ILE A 40 9.10 13.14 2.75
N SER A 41 8.15 13.29 3.70
CA SER A 41 8.31 12.72 5.06
C SER A 41 8.31 11.19 4.98
N ILE A 42 7.49 10.61 4.10
CA ILE A 42 7.44 9.15 3.93
C ILE A 42 8.84 8.60 3.48
N ASN A 43 9.42 9.26 2.48
CA ASN A 43 10.74 8.86 1.96
C ASN A 43 11.87 8.98 2.98
N ARG A 44 11.74 9.92 3.92
CA ARG A 44 12.66 10.13 5.03
C ARG A 44 12.62 8.92 5.98
N VAL A 45 11.45 8.32 6.13
CA VAL A 45 11.31 7.14 6.99
C VAL A 45 11.89 5.92 6.33
N THR A 46 11.51 5.69 5.06
CA THR A 46 11.96 4.53 4.33
C THR A 46 11.74 4.74 2.80
N ARG A 47 12.62 4.20 1.98
CA ARG A 47 12.40 4.34 0.54
C ARG A 47 11.71 3.07 -0.01
N ASP A 48 11.35 2.15 0.88
CA ASP A 48 10.71 0.90 0.51
C ASP A 48 9.25 1.03 0.06
N ASP A 49 8.82 0.12 -0.81
CA ASP A 49 7.50 0.15 -1.41
C ASP A 49 6.45 -0.35 -0.38
N PHE A 50 5.23 0.13 -0.50
CA PHE A 50 4.14 -0.39 0.30
C PHE A 50 2.84 -0.07 -0.41
N GLU A 51 1.75 -0.70 0.02
CA GLU A 51 0.47 -0.52 -0.69
C GLU A 51 -0.02 0.93 -0.83
N ASN A 52 -0.39 1.27 -2.07
CA ASN A 52 -0.82 2.64 -2.44
C ASN A 52 0.25 3.73 -2.41
N ARG A 53 1.51 3.36 -2.20
CA ARG A 53 2.54 4.38 -2.35
C ARG A 53 2.55 5.00 -3.76
N SER A 54 2.48 4.16 -4.78
CA SER A 54 2.48 4.60 -6.18
C SER A 54 1.26 5.41 -6.52
N LYS A 55 0.12 5.04 -5.92
CA LYS A 55 -1.12 5.75 -6.14
C LYS A 55 -1.02 7.19 -5.62
N LEU A 56 -0.36 7.40 -4.48
CA LEU A 56 -0.25 8.75 -3.95
C LEU A 56 0.67 9.60 -4.83
N ILE A 57 1.73 8.99 -5.34
CA ILE A 57 2.54 9.63 -6.40
C ILE A 57 1.70 10.06 -7.64
N ASP A 58 0.88 9.14 -8.17
CA ASP A 58 -0.06 9.46 -9.25
C ASP A 58 -0.90 10.67 -8.93
N TRP A 59 -1.44 10.73 -7.72
CA TRP A 59 -2.31 11.84 -7.34
C TRP A 59 -1.58 13.18 -7.35
N ILE A 60 -0.38 13.25 -6.77
CA ILE A 60 0.30 14.53 -6.75
C ILE A 60 0.72 15.00 -8.20
N VAL A 61 1.09 14.06 -9.08
CA VAL A 61 1.34 14.32 -10.52
C VAL A 61 0.07 14.87 -11.24
N ARG A 62 -1.06 14.19 -11.03
CA ARG A 62 -2.35 14.62 -11.54
C ARG A 62 -2.76 16.02 -11.03
N ILE A 63 -2.58 16.24 -9.73
CA ILE A 63 -2.93 17.55 -9.12
C ILE A 63 -2.01 18.68 -9.63
N ASN A 64 -0.72 18.37 -9.79
CA ASN A 64 0.21 19.33 -10.42
C ASN A 64 -0.17 19.84 -11.83
N LYS A 65 -0.89 19.01 -12.61
CA LYS A 65 -1.26 19.34 -14.00
C LYS A 65 -2.52 20.17 -14.10
N LEU A 66 -3.21 20.36 -12.96
CA LEU A 66 -4.41 21.19 -12.97
C LEU A 66 -4.07 22.66 -13.24
N SER A 67 -5.03 23.42 -13.77
CA SER A 67 -4.87 24.86 -13.97
C SER A 67 -5.17 25.61 -12.69
N ILE A 68 -4.75 26.86 -12.60
CA ILE A 68 -4.79 27.62 -11.37
C ILE A 68 -6.24 28.04 -11.03
N GLY A 69 -6.86 27.25 -10.16
CA GLY A 69 -8.26 27.45 -9.79
C GLY A 69 -9.19 26.31 -10.17
N ASP A 70 -8.61 25.18 -10.56
CA ASP A 70 -9.35 23.94 -10.77
C ASP A 70 -9.53 23.29 -9.40
N THR A 71 -10.64 22.56 -9.24
CA THR A 71 -10.84 21.84 -8.03
C THR A 71 -11.04 20.38 -8.39
N LEU A 72 -10.78 19.51 -7.42
CA LEU A 72 -11.20 18.14 -7.48
C LEU A 72 -12.71 18.10 -7.27
N THR A 73 -13.33 17.20 -8.00
CA THR A 73 -14.73 16.83 -7.89
C THR A 73 -15.02 16.20 -6.52
N GLU A 74 -16.27 16.29 -6.04
CA GLU A 74 -16.67 15.69 -4.76
C GLU A 74 -16.33 14.18 -4.74
N THR A 75 -16.48 13.51 -5.87
CA THR A 75 -16.13 12.09 -5.89
C THR A 75 -14.61 11.79 -6.05
N GLN A 76 -13.88 12.69 -6.73
CA GLN A 76 -12.41 12.63 -6.70
C GLN A 76 -11.87 12.73 -5.26
N ILE A 77 -12.44 13.66 -4.47
CA ILE A 77 -12.06 13.83 -3.07
C ILE A 77 -12.28 12.56 -2.26
N ARG A 78 -13.42 11.89 -2.53
CA ARG A 78 -13.76 10.68 -1.78
C ARG A 78 -12.76 9.53 -2.12
N GLU A 79 -12.47 9.36 -3.42
CA GLU A 79 -11.40 8.45 -3.87
C GLU A 79 -10.01 8.67 -3.23
N LEU A 80 -9.50 9.90 -3.34
CA LEU A 80 -8.24 10.27 -2.71
C LEU A 80 -8.21 9.97 -1.19
N LEU A 81 -9.31 10.27 -0.49
CA LEU A 81 -9.44 9.97 0.96
C LEU A 81 -9.28 8.46 1.23
N PHE A 82 -10.01 7.64 0.48
CA PHE A 82 -9.91 6.19 0.61
C PHE A 82 -8.45 5.76 0.37
N ASP A 83 -7.85 6.27 -0.70
CA ASP A 83 -6.49 5.86 -1.08
C ASP A 83 -5.48 6.24 0.02
N LEU A 84 -5.65 7.42 0.62
CA LEU A 84 -4.82 7.89 1.73
C LEU A 84 -4.96 7.01 2.97
N GLU A 85 -6.22 6.70 3.35
CA GLU A 85 -6.50 5.81 4.49
C GLU A 85 -5.82 4.44 4.37
N LEU A 86 -5.94 3.82 3.19
CA LEU A 86 -5.28 2.59 2.85
C LEU A 86 -3.72 2.71 2.90
N ALA A 87 -3.17 3.74 2.28
CA ALA A 87 -1.70 4.00 2.38
C ALA A 87 -1.26 4.12 3.87
N TYR A 88 -2.05 4.86 4.66
CA TYR A 88 -1.72 5.04 6.08
C TYR A 88 -1.66 3.69 6.87
N LYS A 89 -2.70 2.89 6.73
CA LYS A 89 -2.71 1.50 7.26
C LYS A 89 -1.47 0.68 6.86
N SER A 90 -1.07 0.74 5.58
CA SER A 90 0.04 -0.05 5.03
C SER A 90 1.39 0.47 5.51
N PHE A 91 1.53 1.78 5.55
CA PHE A 91 2.75 2.44 6.11
C PHE A 91 2.95 2.03 7.62
N TYR A 92 1.87 2.12 8.39
CA TYR A 92 1.88 1.69 9.80
C TYR A 92 2.27 0.20 9.97
N ALA A 93 1.76 -0.69 9.09
CA ALA A 93 2.14 -2.11 9.11
C ALA A 93 3.62 -2.28 8.89
N LEU A 94 4.28 -1.37 8.15
CA LEU A 94 5.71 -1.51 7.86
C LEU A 94 6.53 -1.23 9.12
N LEU A 95 5.92 -0.55 10.09
CA LEU A 95 6.69 -0.12 11.27
C LEU A 95 7.01 -1.21 12.32
N VAL B 15 25.43 23.78 -15.19
CA VAL B 15 24.21 22.88 -15.31
C VAL B 15 24.26 21.61 -14.40
N SER B 16 23.18 21.41 -13.64
CA SER B 16 23.05 20.27 -12.70
C SER B 16 21.95 19.30 -13.13
N THR B 17 22.25 18.02 -13.23
CA THR B 17 21.21 17.01 -13.47
C THR B 17 20.92 16.27 -12.15
N TRP B 18 19.69 15.77 -12.00
CA TRP B 18 19.28 15.09 -10.74
C TRP B 18 18.02 14.27 -11.01
N VAL B 19 17.73 13.32 -10.13
CA VAL B 19 16.48 12.57 -10.25
C VAL B 19 15.53 12.84 -9.08
N CYS B 20 14.27 13.19 -9.39
CA CYS B 20 13.30 13.51 -8.36
C CYS B 20 13.10 12.28 -7.44
N PRO B 21 13.32 12.46 -6.12
CA PRO B 21 13.14 11.32 -5.18
C PRO B 21 11.66 10.97 -4.97
N ILE B 22 10.76 11.85 -5.41
CA ILE B 22 9.31 11.57 -5.26
C ILE B 22 8.80 10.70 -6.41
N CYS B 23 8.99 11.18 -7.66
CA CYS B 23 8.42 10.55 -8.85
C CYS B 23 9.43 9.86 -9.79
N MET B 24 10.72 10.10 -9.55
CA MET B 24 11.80 9.40 -10.25
C MET B 24 12.12 9.93 -11.66
N VAL B 25 11.57 11.08 -12.04
CA VAL B 25 11.89 11.66 -13.35
C VAL B 25 13.18 12.49 -13.29
N SER B 26 13.94 12.43 -14.38
CA SER B 26 15.20 13.20 -14.50
C SER B 26 14.89 14.68 -14.70
N ASN B 27 15.56 15.53 -13.92
CA ASN B 27 15.47 16.98 -14.09
C ASN B 27 16.85 17.60 -14.42
N GLU B 28 16.81 18.81 -15.00
CA GLU B 28 17.99 19.60 -15.40
C GLU B 28 17.87 21.04 -14.90
N THR B 29 18.81 21.51 -14.07
CA THR B 29 18.69 22.93 -13.63
C THR B 29 19.95 23.75 -13.82
N GLN B 30 19.75 25.04 -14.06
CA GLN B 30 20.84 25.98 -14.26
C GLN B 30 21.63 26.15 -12.96
N GLY B 31 22.97 26.14 -13.11
CA GLY B 31 23.85 26.35 -11.97
C GLY B 31 24.03 25.14 -11.07
N GLU B 32 24.75 25.35 -9.97
CA GLU B 32 25.08 24.25 -9.05
C GLU B 32 23.85 23.87 -8.21
N PHE B 33 23.85 22.66 -7.71
CA PHE B 33 22.83 22.26 -6.76
C PHE B 33 23.62 21.72 -5.57
N THR B 34 23.76 22.55 -4.55
CA THR B 34 24.44 22.18 -3.31
C THR B 34 23.49 22.37 -2.12
N LYS B 35 23.94 21.94 -0.93
CA LYS B 35 23.17 22.09 0.31
C LYS B 35 22.85 23.53 0.62
N ASP B 36 23.59 24.46 -0.01
CA ASP B 36 23.40 25.90 0.21
C ASP B 36 22.48 26.57 -0.82
N THR B 37 22.12 25.86 -1.89
CA THR B 37 21.25 26.49 -2.90
C THR B 37 19.83 26.65 -2.36
N LEU B 38 19.30 27.86 -2.55
CA LEU B 38 18.02 28.25 -2.00
C LEU B 38 17.46 29.34 -2.91
N PRO B 39 16.20 29.16 -3.36
CA PRO B 39 15.35 27.98 -3.12
C PRO B 39 15.79 26.78 -3.94
N THR B 40 15.42 25.56 -3.51
CA THR B 40 15.83 24.36 -4.26
C THR B 40 15.05 24.31 -5.55
N PRO B 41 15.60 23.63 -6.59
CA PRO B 41 14.84 23.41 -7.81
C PRO B 41 13.60 22.57 -7.63
N ILE B 42 12.63 22.82 -8.49
CA ILE B 42 11.34 22.16 -8.43
C ILE B 42 11.26 21.13 -9.56
N CYS B 43 10.76 19.93 -9.28
CA CYS B 43 10.54 18.93 -10.31
C CYS B 43 9.50 19.38 -11.36
N ILE B 44 9.86 19.25 -12.64
CA ILE B 44 8.95 19.61 -13.75
C ILE B 44 7.66 18.74 -13.82
N ASN B 45 7.69 17.54 -13.23
CA ASN B 45 6.60 16.58 -13.38
C ASN B 45 5.62 16.63 -12.19
N CYS B 46 6.12 16.51 -10.96
CA CYS B 46 5.21 16.44 -9.78
C CYS B 46 5.17 17.78 -9.06
N GLY B 47 6.06 18.69 -9.44
CA GLY B 47 6.13 20.01 -8.84
C GLY B 47 6.55 20.08 -7.37
N VAL B 48 7.16 19.03 -6.83
CA VAL B 48 7.69 19.06 -5.45
C VAL B 48 9.10 19.67 -5.48
N PRO B 49 9.37 20.71 -4.63
CA PRO B 49 10.76 21.19 -4.45
C PRO B 49 11.71 20.07 -4.01
N ALA B 50 12.83 19.91 -4.70
CA ALA B 50 13.77 18.82 -4.38
C ALA B 50 14.36 18.90 -2.97
N ASP B 51 14.20 17.84 -2.18
CA ASP B 51 14.83 17.75 -0.87
C ASP B 51 16.31 17.38 -1.07
N TYR B 52 17.22 18.28 -0.66
CA TYR B 52 18.67 18.01 -0.89
C TYR B 52 19.19 16.64 -0.36
N GLU B 53 18.94 16.32 0.91
CA GLU B 53 19.42 15.04 1.45
C GLU B 53 18.86 13.82 0.68
N LEU B 54 17.59 13.82 0.31
CA LEU B 54 17.07 12.70 -0.50
C LEU B 54 17.60 12.64 -1.94
N THR B 55 17.98 13.79 -2.52
CA THR B 55 18.26 13.89 -3.97
C THR B 55 19.79 13.80 -4.23
N LYS B 56 20.60 14.05 -3.18
CA LYS B 56 22.04 14.37 -3.38
C LYS B 56 22.81 13.30 -4.09
N SER B 57 22.49 12.02 -3.82
CA SER B 57 23.25 10.94 -4.47
C SER B 57 23.06 10.93 -5.99
N SER B 58 21.95 11.50 -6.46
CA SER B 58 21.67 11.54 -7.91
C SER B 58 22.21 12.76 -8.65
N ILE B 59 22.73 13.75 -7.91
CA ILE B 59 23.11 15.04 -8.53
C ILE B 59 24.43 14.89 -9.29
N ASN B 60 24.48 15.39 -10.54
CA ASN B 60 25.72 15.49 -11.30
C ASN B 60 25.80 16.90 -11.94
N CYS B 61 27.01 17.48 -12.07
CA CYS B 61 27.17 18.89 -12.52
C CYS B 61 28.10 19.02 -13.73
N PHE C 2 -14.53 -16.79 20.31
CA PHE C 2 -13.59 -16.14 19.33
C PHE C 2 -12.94 -14.85 19.94
N ASN C 3 -11.72 -14.54 19.51
CA ASN C 3 -11.02 -13.28 19.87
C ASN C 3 -11.73 -12.06 19.28
N ALA C 4 -12.38 -11.24 20.12
CA ALA C 4 -13.26 -10.20 19.58
C ALA C 4 -12.52 -9.17 18.75
N LYS C 5 -11.35 -8.71 19.20
CA LYS C 5 -10.51 -7.81 18.34
C LYS C 5 -10.26 -8.41 16.94
N TYR C 6 -9.91 -9.69 16.88
CA TYR C 6 -9.62 -10.35 15.57
C TYR C 6 -10.89 -10.36 14.67
N VAL C 7 -12.04 -10.60 15.29
CA VAL C 7 -13.33 -10.60 14.53
C VAL C 7 -13.60 -9.18 13.96
N ALA C 8 -13.41 -8.15 14.78
CA ALA C 8 -13.54 -6.76 14.27
C ALA C 8 -12.56 -6.48 13.10
N GLU C 9 -11.29 -6.89 13.24
CA GLU C 9 -10.28 -6.66 12.16
C GLU C 9 -10.69 -7.39 10.85
N ALA C 10 -11.12 -8.67 10.97
CA ALA C 10 -11.51 -9.42 9.77
C ALA C 10 -12.74 -8.79 9.08
N THR C 11 -13.71 -8.37 9.91
CA THR C 11 -14.91 -7.76 9.36
C THR C 11 -14.55 -6.44 8.59
N GLY C 12 -13.75 -5.57 9.22
CA GLY C 12 -13.25 -4.37 8.53
C GLY C 12 -12.49 -4.67 7.22
N ASN C 13 -11.64 -5.72 7.23
CA ASN C 13 -10.93 -6.17 6.00
C ASN C 13 -11.86 -6.59 4.84
N PHE C 14 -12.97 -7.29 5.14
CA PHE C 14 -13.97 -7.68 4.12
C PHE C 14 -14.53 -6.42 3.43
N ILE C 15 -14.98 -5.46 4.25
CA ILE C 15 -15.55 -4.20 3.76
C ILE C 15 -14.54 -3.34 3.00
N THR C 16 -13.29 -3.31 3.48
CA THR C 16 -12.19 -2.59 2.78
C THR C 16 -11.95 -3.15 1.38
N VAL C 17 -11.90 -4.47 1.20
CA VAL C 17 -11.60 -5.05 -0.13
C VAL C 17 -12.82 -4.77 -1.03
N MET C 18 -14.05 -4.93 -0.50
CA MET C 18 -15.27 -4.64 -1.31
C MET C 18 -15.36 -3.16 -1.75
N ASP C 19 -15.06 -2.21 -0.84
CA ASP C 19 -15.02 -0.77 -1.21
C ASP C 19 -13.95 -0.52 -2.30
N ALA C 20 -12.75 -1.11 -2.13
CA ALA C 20 -11.70 -1.02 -3.17
C ALA C 20 -12.18 -1.43 -4.57
N LEU C 21 -12.89 -2.56 -4.64
CA LEU C 21 -13.44 -3.04 -5.90
C LEU C 21 -14.47 -2.06 -6.47
N LYS C 22 -15.31 -1.51 -5.61
CA LYS C 22 -16.33 -0.54 -6.03
C LYS C 22 -15.64 0.79 -6.47
N LEU C 23 -14.39 1.00 -6.06
CA LEU C 23 -13.63 2.15 -6.52
C LEU C 23 -12.66 1.81 -7.64
N ASN C 24 -12.90 0.69 -8.31
CA ASN C 24 -12.22 0.33 -9.55
C ASN C 24 -10.73 -0.13 -9.38
N TYR C 25 -10.37 -0.56 -8.17
CA TYR C 25 -9.04 -1.19 -7.97
C TYR C 25 -9.15 -2.48 -8.78
N ASN C 26 -8.19 -2.70 -9.69
CA ASN C 26 -8.30 -3.86 -10.59
C ASN C 26 -6.97 -4.51 -10.96
N ALA C 27 -5.89 -4.04 -10.34
CA ALA C 27 -4.55 -4.55 -10.69
C ALA C 27 -3.92 -5.43 -9.59
N LYS C 28 -2.93 -6.24 -10.01
CA LYS C 28 -2.24 -7.17 -9.14
C LYS C 28 -1.61 -6.51 -7.92
N ASP C 29 -0.93 -5.40 -8.13
CA ASP C 29 -0.32 -4.62 -7.06
C ASP C 29 -1.29 -3.99 -6.08
N GLN C 30 -2.53 -3.76 -6.50
CA GLN C 30 -3.57 -3.13 -5.69
C GLN C 30 -4.33 -4.21 -4.92
N LEU C 31 -4.63 -5.32 -5.59
CA LEU C 31 -5.54 -6.31 -5.03
C LEU C 31 -4.85 -7.38 -4.20
N HIS C 32 -3.61 -7.74 -4.58
CA HIS C 32 -2.96 -8.85 -3.91
C HIS C 32 -2.74 -8.58 -2.42
N PRO C 33 -2.20 -7.38 -2.05
CA PRO C 33 -2.00 -7.10 -0.61
C PRO C 33 -3.33 -7.03 0.17
N LEU C 34 -4.38 -6.50 -0.48
CA LEU C 34 -5.71 -6.48 0.16
C LEU C 34 -6.25 -7.87 0.50
N LEU C 35 -6.19 -8.76 -0.48
CA LEU C 35 -6.68 -10.13 -0.28
C LEU C 35 -5.78 -10.91 0.67
N ALA C 36 -4.46 -10.69 0.57
CA ALA C 36 -3.51 -11.29 1.54
C ALA C 36 -3.89 -10.95 2.97
N GLU C 37 -4.08 -9.66 3.26
CA GLU C 37 -4.39 -9.27 4.66
C GLU C 37 -5.76 -9.77 5.04
N LEU C 38 -6.74 -9.73 4.11
CA LEU C 38 -8.04 -10.35 4.44
C LEU C 38 -7.89 -11.87 4.89
N LEU C 39 -7.22 -12.68 4.07
CA LEU C 39 -7.02 -14.11 4.33
C LEU C 39 -6.25 -14.36 5.66
N ILE C 40 -5.23 -13.56 5.92
CA ILE C 40 -4.51 -13.66 7.24
C ILE C 40 -5.49 -13.36 8.39
N SER C 41 -6.28 -12.26 8.29
CA SER C 41 -7.17 -11.88 9.39
C SER C 41 -8.27 -12.93 9.64
N ILE C 42 -8.74 -13.57 8.57
CA ILE C 42 -9.74 -14.64 8.67
C ILE C 42 -9.19 -15.82 9.48
N ASN C 43 -8.00 -16.26 9.12
CA ASN C 43 -7.32 -17.35 9.85
C ASN C 43 -7.00 -17.09 11.32
N ARG C 44 -6.72 -15.81 11.65
CA ARG C 44 -6.54 -15.40 13.04
C ARG C 44 -7.81 -15.61 13.86
N VAL C 45 -8.96 -15.48 13.21
CA VAL C 45 -10.25 -15.78 13.86
C VAL C 45 -10.43 -17.29 14.01
N THR C 46 -10.26 -18.02 12.91
CA THR C 46 -10.45 -19.47 12.89
C THR C 46 -9.82 -20.08 11.66
N ARG C 47 -9.20 -21.24 11.81
CA ARG C 47 -8.72 -21.97 10.67
C ARG C 47 -9.76 -22.90 10.05
N ASP C 48 -10.97 -22.98 10.62
CA ASP C 48 -12.02 -23.86 10.09
C ASP C 48 -12.49 -23.47 8.68
N ASP C 49 -12.90 -24.47 7.90
CA ASP C 49 -13.41 -24.27 6.53
C ASP C 49 -14.83 -23.75 6.61
N PHE C 50 -15.23 -23.00 5.58
CA PHE C 50 -16.56 -22.47 5.44
C PHE C 50 -16.83 -22.29 3.95
N GLU C 51 -18.08 -22.09 3.55
CA GLU C 51 -18.42 -21.93 2.10
C GLU C 51 -17.71 -20.74 1.50
N ASN C 52 -17.19 -20.93 0.27
CA ASN C 52 -16.41 -19.92 -0.47
C ASN C 52 -15.06 -19.51 0.04
N ARG C 53 -14.57 -20.12 1.12
CA ARG C 53 -13.20 -19.86 1.59
C ARG C 53 -12.21 -20.30 0.51
N SER C 54 -12.40 -21.52 -0.02
CA SER C 54 -11.47 -22.06 -1.03
C SER C 54 -11.42 -21.24 -2.31
N LYS C 55 -12.55 -20.63 -2.64
CA LYS C 55 -12.66 -19.80 -3.83
C LYS C 55 -11.85 -18.53 -3.67
N LEU C 56 -11.85 -17.94 -2.46
CA LEU C 56 -11.01 -16.75 -2.21
C LEU C 56 -9.52 -17.11 -2.33
N ILE C 57 -9.17 -18.32 -1.87
CA ILE C 57 -7.78 -18.80 -1.96
C ILE C 57 -7.39 -18.91 -3.44
N ASP C 58 -8.28 -19.48 -4.26
CA ASP C 58 -8.11 -19.55 -5.73
C ASP C 58 -7.89 -18.16 -6.38
N TRP C 59 -8.70 -17.16 -6.01
CA TRP C 59 -8.49 -15.79 -6.51
C TRP C 59 -7.08 -15.25 -6.21
N ILE C 60 -6.61 -15.39 -4.96
CA ILE C 60 -5.30 -14.81 -4.64
C ILE C 60 -4.18 -15.55 -5.35
N VAL C 61 -4.30 -16.88 -5.50
CA VAL C 61 -3.33 -17.68 -6.32
C VAL C 61 -3.28 -17.23 -7.78
N ARG C 62 -4.46 -17.03 -8.38
CA ARG C 62 -4.58 -16.57 -9.75
C ARG C 62 -4.01 -15.17 -9.93
N ILE C 63 -4.32 -14.27 -9.00
CA ILE C 63 -3.82 -12.88 -9.02
C ILE C 63 -2.31 -12.84 -8.90
N ASN C 64 -1.75 -13.68 -8.03
CA ASN C 64 -0.31 -13.76 -7.86
C ASN C 64 0.50 -14.13 -9.10
N LYS C 65 -0.14 -14.80 -10.06
CA LYS C 65 0.48 -15.22 -11.34
C LYS C 65 0.41 -14.20 -12.47
N LEU C 66 -0.34 -13.12 -12.27
CA LEU C 66 -0.41 -12.02 -13.23
C LEU C 66 0.93 -11.31 -13.41
N SER C 67 1.13 -10.69 -14.57
CA SER C 67 2.31 -9.88 -14.84
C SER C 67 2.13 -8.48 -14.29
N ILE C 68 3.22 -7.73 -14.18
CA ILE C 68 3.22 -6.45 -13.48
C ILE C 68 2.55 -5.36 -14.35
N GLY C 69 1.28 -5.11 -14.06
CA GLY C 69 0.47 -4.19 -14.85
C GLY C 69 -0.63 -4.87 -15.65
N ASP C 70 -0.93 -6.13 -15.29
CA ASP C 70 -2.13 -6.82 -15.77
C ASP C 70 -3.32 -6.40 -14.90
N THR C 71 -4.50 -6.33 -15.49
CA THR C 71 -5.70 -5.99 -14.71
C THR C 71 -6.76 -7.07 -14.85
N LEU C 72 -7.70 -7.08 -13.91
CA LEU C 72 -8.87 -7.91 -13.98
C LEU C 72 -9.85 -7.16 -14.87
N THR C 73 -10.62 -7.96 -15.56
CA THR C 73 -11.62 -7.53 -16.49
C THR C 73 -12.80 -6.96 -15.63
N GLU C 74 -13.61 -6.09 -16.22
CA GLU C 74 -14.77 -5.62 -15.51
C GLU C 74 -15.69 -6.77 -15.01
N THR C 75 -15.90 -7.80 -15.83
CA THR C 75 -16.67 -8.98 -15.37
C THR C 75 -15.95 -9.84 -14.28
N GLN C 76 -14.61 -9.88 -14.30
CA GLN C 76 -13.85 -10.58 -13.25
C GLN C 76 -14.01 -9.85 -11.91
N ILE C 77 -14.04 -8.53 -11.95
CA ILE C 77 -14.17 -7.73 -10.72
C ILE C 77 -15.56 -7.99 -10.09
N ARG C 78 -16.54 -8.22 -10.94
CA ARG C 78 -17.91 -8.45 -10.52
C ARG C 78 -18.05 -9.81 -9.84
N GLU C 79 -17.49 -10.84 -10.47
CA GLU C 79 -17.39 -12.20 -9.88
C GLU C 79 -16.68 -12.17 -8.49
N LEU C 80 -15.55 -11.48 -8.40
CA LEU C 80 -14.78 -11.46 -7.16
C LEU C 80 -15.60 -10.82 -6.04
N LEU C 81 -16.33 -9.77 -6.43
CA LEU C 81 -17.22 -9.06 -5.49
C LEU C 81 -18.29 -9.98 -4.93
N PHE C 82 -19.00 -10.67 -5.80
CA PHE C 82 -20.01 -11.68 -5.46
C PHE C 82 -19.42 -12.77 -4.53
N ASP C 83 -18.21 -13.24 -4.87
CA ASP C 83 -17.55 -14.34 -4.15
C ASP C 83 -17.20 -13.86 -2.74
N LEU C 84 -16.76 -12.60 -2.62
CA LEU C 84 -16.46 -11.99 -1.30
C LEU C 84 -17.71 -11.84 -0.38
N GLU C 85 -18.81 -11.38 -0.99
CA GLU C 85 -20.11 -11.21 -0.33
C GLU C 85 -20.59 -12.57 0.19
N LEU C 86 -20.50 -13.62 -0.62
CA LEU C 86 -20.83 -14.95 -0.15
C LEU C 86 -19.89 -15.49 0.95
N ALA C 87 -18.59 -15.29 0.80
CA ALA C 87 -17.64 -15.71 1.85
C ALA C 87 -17.91 -15.00 3.14
N TYR C 88 -18.21 -13.70 3.07
CA TYR C 88 -18.56 -12.91 4.28
C TYR C 88 -19.80 -13.53 5.01
N LYS C 89 -20.84 -13.79 4.23
CA LYS C 89 -22.07 -14.31 4.79
C LYS C 89 -21.81 -15.67 5.48
N SER C 90 -20.98 -16.52 4.90
CA SER C 90 -20.68 -17.85 5.47
C SER C 90 -19.71 -17.78 6.68
N PHE C 91 -18.74 -16.89 6.62
CA PHE C 91 -17.86 -16.50 7.76
C PHE C 91 -18.68 -16.06 8.95
N TYR C 92 -19.59 -15.11 8.72
CA TYR C 92 -20.50 -14.62 9.75
C TYR C 92 -21.35 -15.75 10.39
N ALA C 93 -21.93 -16.62 9.55
CA ALA C 93 -22.72 -17.74 10.06
C ALA C 93 -21.93 -18.64 11.00
N LEU C 94 -20.62 -18.73 10.82
CA LEU C 94 -19.75 -19.44 11.76
C LEU C 94 -19.64 -18.82 13.16
N LEU C 95 -19.74 -17.49 13.26
CA LEU C 95 -19.54 -16.77 14.53
C LEU C 95 -20.65 -17.06 15.55
N VAL D 15 18.19 -25.54 7.07
CA VAL D 15 16.91 -25.62 6.27
C VAL D 15 15.61 -25.80 7.12
N SER D 16 14.59 -24.99 6.82
CA SER D 16 13.31 -24.99 7.53
C SER D 16 12.16 -25.33 6.60
N THR D 17 11.42 -26.38 6.94
CA THR D 17 10.15 -26.68 6.25
C THR D 17 8.96 -26.03 7.01
N TRP D 18 7.90 -25.66 6.28
CA TRP D 18 6.68 -25.06 6.89
C TRP D 18 5.50 -25.19 5.92
N VAL D 19 4.30 -25.03 6.47
CA VAL D 19 3.08 -25.11 5.65
C VAL D 19 2.38 -23.75 5.70
N CYS D 20 2.08 -23.24 4.50
CA CYS D 20 1.38 -21.96 4.37
C CYS D 20 0.01 -22.01 5.03
N PRO D 21 -0.25 -21.09 5.96
CA PRO D 21 -1.56 -21.10 6.60
C PRO D 21 -2.69 -20.64 5.68
N ILE D 22 -2.35 -19.97 4.59
CA ILE D 22 -3.36 -19.49 3.67
C ILE D 22 -3.87 -20.61 2.71
N CYS D 23 -2.96 -21.27 2.00
CA CYS D 23 -3.34 -22.25 0.96
C CYS D 23 -2.91 -23.72 1.27
N MET D 24 -2.16 -23.92 2.35
CA MET D 24 -1.83 -25.25 2.89
C MET D 24 -0.70 -25.97 2.14
N VAL D 25 0.01 -25.23 1.30
CA VAL D 25 1.10 -25.77 0.49
C VAL D 25 2.37 -25.86 1.35
N SER D 26 3.11 -26.96 1.23
CA SER D 26 4.44 -27.15 1.86
C SER D 26 5.52 -26.29 1.23
N ASN D 27 6.25 -25.55 2.04
CA ASN D 27 7.33 -24.71 1.56
C ASN D 27 8.61 -25.11 2.26
N GLU D 28 9.75 -24.69 1.69
CA GLU D 28 11.11 -24.96 2.18
C GLU D 28 11.88 -23.66 2.08
N THR D 29 12.54 -23.26 3.17
CA THR D 29 13.37 -22.05 3.11
C THR D 29 14.75 -22.24 3.73
N GLN D 30 15.72 -21.49 3.21
CA GLN D 30 17.11 -21.54 3.65
C GLN D 30 17.26 -20.88 5.02
N GLY D 31 17.90 -21.60 5.95
CA GLY D 31 18.14 -21.10 7.30
C GLY D 31 17.01 -21.36 8.28
N GLU D 32 17.14 -20.78 9.47
CA GLU D 32 16.09 -20.89 10.49
C GLU D 32 14.87 -20.00 10.18
N PHE D 33 13.72 -20.40 10.71
CA PHE D 33 12.52 -19.60 10.68
C PHE D 33 12.09 -19.42 12.15
N THR D 34 12.40 -18.24 12.71
CA THR D 34 12.03 -17.90 14.08
C THR D 34 11.22 -16.59 14.08
N LYS D 35 10.75 -16.18 15.26
CA LYS D 35 9.99 -14.93 15.40
C LYS D 35 10.81 -13.70 15.06
N ASP D 36 12.14 -13.86 15.04
CA ASP D 36 13.07 -12.77 14.69
C ASP D 36 13.48 -12.73 13.22
N THR D 37 13.13 -13.73 12.42
CA THR D 37 13.53 -13.70 11.01
C THR D 37 12.71 -12.68 10.22
N LEU D 38 13.44 -11.80 9.53
CA LEU D 38 12.84 -10.68 8.82
C LEU D 38 13.72 -10.43 7.60
N PRO D 39 13.10 -10.33 6.41
CA PRO D 39 11.65 -10.49 6.17
C PRO D 39 11.23 -11.96 6.27
N THR D 40 9.93 -12.23 6.39
CA THR D 40 9.50 -13.63 6.48
C THR D 40 9.54 -14.25 5.09
N PRO D 41 9.75 -15.58 5.00
CA PRO D 41 9.66 -16.25 3.73
C PRO D 41 8.28 -16.10 3.10
N ILE D 42 8.25 -16.16 1.78
CA ILE D 42 7.02 -15.98 1.01
C ILE D 42 6.58 -17.31 0.41
N CYS D 43 5.29 -17.64 0.50
CA CYS D 43 4.79 -18.92 -0.10
C CYS D 43 4.93 -18.93 -1.60
N ILE D 44 5.46 -20.03 -2.17
CA ILE D 44 5.70 -20.15 -3.62
C ILE D 44 4.38 -20.24 -4.44
N ASN D 45 3.28 -20.65 -3.79
CA ASN D 45 1.98 -20.82 -4.48
C ASN D 45 1.06 -19.57 -4.49
N CYS D 46 0.71 -19.05 -3.31
CA CYS D 46 -0.19 -17.88 -3.23
C CYS D 46 0.57 -16.54 -3.13
N GLY D 47 1.88 -16.62 -2.89
CA GLY D 47 2.70 -15.41 -2.69
C GLY D 47 2.44 -14.59 -1.43
N VAL D 48 1.76 -15.15 -0.43
CA VAL D 48 1.55 -14.39 0.85
C VAL D 48 2.76 -14.61 1.82
N PRO D 49 3.41 -13.51 2.30
CA PRO D 49 4.50 -13.66 3.31
C PRO D 49 3.96 -14.42 4.51
N ALA D 50 4.71 -15.41 4.98
CA ALA D 50 4.26 -16.24 6.11
C ALA D 50 4.09 -15.43 7.39
N ASP D 51 2.86 -15.43 7.94
CA ASP D 51 2.60 -14.86 9.25
C ASP D 51 3.18 -15.82 10.33
N TYR D 52 4.11 -15.37 11.18
CA TYR D 52 4.82 -16.31 12.09
C TYR D 52 3.88 -17.01 13.10
N GLU D 53 3.01 -16.23 13.75
CA GLU D 53 2.13 -16.83 14.74
C GLU D 53 1.25 -17.91 14.15
N LEU D 54 0.70 -17.67 12.94
CA LEU D 54 -0.10 -18.68 12.24
C LEU D 54 0.68 -19.89 11.78
N THR D 55 1.96 -19.68 11.42
CA THR D 55 2.76 -20.71 10.72
C THR D 55 3.60 -21.55 11.69
N LYS D 56 3.83 -21.01 12.89
CA LYS D 56 4.84 -21.58 13.82
C LYS D 56 4.67 -23.05 14.21
N SER D 57 3.42 -23.49 14.40
CA SER D 57 3.20 -24.88 14.75
C SER D 57 3.64 -25.86 13.65
N SER D 58 3.82 -25.36 12.43
CA SER D 58 4.19 -26.21 11.29
C SER D 58 5.68 -26.18 10.96
N ILE D 59 6.46 -25.36 11.66
CA ILE D 59 7.89 -25.21 11.31
C ILE D 59 8.73 -26.39 11.85
N ASN D 60 9.54 -26.97 10.98
CA ASN D 60 10.49 -27.99 11.36
C ASN D 60 11.85 -27.73 10.71
N CYS D 61 12.94 -27.76 11.49
CA CYS D 61 14.27 -27.30 11.01
C CYS D 61 15.29 -28.44 10.88
#